data_2QF8
#
_entry.id   2QF8
#
_cell.length_a   62.870
_cell.length_b   66.499
_cell.length_c   107.126
_cell.angle_alpha   90.00
_cell.angle_beta   90.00
_cell.angle_gamma   90.00
#
_symmetry.space_group_name_H-M   'P 21 21 21'
#
loop_
_entity.id
_entity.type
_entity.pdbx_description
1 polymer 'Chitinase-3-like protein 1'
2 branched 2-acetamido-2-deoxy-beta-D-glucopyranose-(1-4)-2-acetamido-2-deoxy-beta-D-glucopyranose-(1-4)-2-acetamido-2-deoxy-beta-D-glucopyranose-(1-4)-2-acetamido-2-deoxy-beta-D-glucopyranose
3 non-polymer 2-acetamido-2-deoxy-beta-D-glucopyranose
4 water water
#
_entity_poly.entity_id   1
_entity_poly.type   'polypeptide(L)'
_entity_poly.pdbx_seq_one_letter_code
;YKLICYYTSWSQYREGDGSCFPDAIDPFLCTHVIYSFANISNNEIDTWEWNDVTLYDTLNTLKNRNPNLKTLLSVGGWNY
GSQRFSKIASKTQSRRTFIKSVPPFLRTHGFDGLDLAWLWPGWRDKRHLTTLVKEMKAEFVREAQAGTEQLLLSAAVTAG
KIAIDRGYDIAQISRHLDFISLLTYDFHGAWRQTVGHHSPLFRGNEDASSRFSNADYAVSYMLRLGAPANKLVMGIPTFG
RSYTLASSKTDVGAPISGPGIPGRFTKWKGILAYYEICDFLHGATTHRFRDQQVPYATKGNQWVAYDDQESVKNKARYLK
NRQLAGAMVWALDLDDFRGTFCGQNLTFPLTSAIKDVLARV
;
_entity_poly.pdbx_strand_id   A
#
loop_
_chem_comp.id
_chem_comp.type
_chem_comp.name
_chem_comp.formula
NAG D-saccharide, beta linking 2-acetamido-2-deoxy-beta-D-glucopyranose 'C8 H15 N O6'
#
# COMPACT_ATOMS: atom_id res chain seq x y z
N TYR A 1 -18.22 -2.05 -2.60
CA TYR A 1 -17.01 -1.46 -2.01
C TYR A 1 -15.87 -2.43 -2.11
N LYS A 2 -14.77 -2.01 -2.73
CA LYS A 2 -13.53 -2.77 -2.75
C LYS A 2 -12.62 -2.66 -1.54
N LEU A 3 -11.99 -3.78 -1.21
CA LEU A 3 -11.06 -3.85 -0.09
C LEU A 3 -9.80 -4.55 -0.55
N ILE A 4 -8.84 -3.81 -1.11
CA ILE A 4 -7.57 -4.38 -1.59
C ILE A 4 -6.50 -4.48 -0.47
N CYS A 5 -5.99 -5.70 -0.22
CA CYS A 5 -5.03 -5.93 0.83
C CYS A 5 -3.75 -6.50 0.25
N TYR A 6 -2.59 -5.96 0.64
CA TYR A 6 -1.30 -6.38 0.16
C TYR A 6 -0.74 -7.35 1.15
N TYR A 7 -0.15 -8.41 0.66
CA TYR A 7 0.56 -9.37 1.50
C TYR A 7 2.03 -9.30 1.00
N THR A 8 2.97 -9.11 1.92
CA THR A 8 4.38 -9.07 1.50
C THR A 8 5.17 -10.40 1.60
N SER A 9 5.95 -10.73 0.55
CA SER A 9 6.78 -11.94 0.54
C SER A 9 7.67 -12.11 1.75
N TRP A 10 8.58 -11.16 1.95
CA TRP A 10 9.57 -11.26 2.97
C TRP A 10 9.03 -11.39 4.39
N SER A 11 7.71 -11.37 4.51
CA SER A 11 7.14 -11.51 5.85
C SER A 11 7.21 -12.98 6.39
N GLN A 12 7.57 -13.94 5.55
CA GLN A 12 7.72 -15.32 6.06
C GLN A 12 8.91 -15.50 6.97
N TYR A 13 9.92 -14.67 6.79
CA TYR A 13 11.15 -14.72 7.56
C TYR A 13 11.04 -14.17 8.95
N ARG A 14 10.21 -13.19 9.17
CA ARG A 14 10.08 -12.67 10.51
C ARG A 14 10.02 -13.83 11.53
N GLU A 15 10.72 -13.77 12.65
CA GLU A 15 10.64 -14.90 13.59
C GLU A 15 9.50 -14.99 14.51
N GLY A 16 9.40 -16.16 15.13
CA GLY A 16 8.35 -16.35 16.13
C GLY A 16 6.99 -16.11 15.51
N ASP A 17 6.13 -15.44 16.26
CA ASP A 17 4.74 -15.06 15.84
C ASP A 17 4.74 -14.05 14.68
N GLY A 18 5.89 -13.44 14.48
CA GLY A 18 6.01 -12.48 13.42
C GLY A 18 5.76 -13.17 12.13
N SER A 19 6.14 -14.44 12.03
CA SER A 19 5.99 -15.22 10.80
C SER A 19 4.59 -15.21 10.21
N CYS A 20 4.49 -14.86 8.93
CA CYS A 20 3.21 -14.80 8.26
C CYS A 20 3.20 -15.48 6.89
N PHE A 21 2.20 -16.32 6.64
CA PHE A 21 2.04 -17.06 5.38
C PHE A 21 0.61 -16.86 4.90
N PRO A 22 0.39 -16.98 3.61
CA PRO A 22 -0.93 -16.76 3.03
C PRO A 22 -1.95 -17.51 3.78
N ASP A 23 -1.51 -18.53 4.47
CA ASP A 23 -2.29 -19.30 5.41
C ASP A 23 -3.21 -18.46 6.39
N ALA A 24 -2.56 -17.53 7.03
CA ALA A 24 -3.10 -16.74 8.05
C ALA A 24 -4.17 -15.86 7.55
N ILE A 25 -4.26 -15.69 6.23
CA ILE A 25 -5.23 -14.75 5.67
C ILE A 25 -6.66 -15.24 5.71
N ASP A 26 -7.54 -14.49 6.31
CA ASP A 26 -8.94 -14.81 6.30
C ASP A 26 -9.60 -14.46 4.96
N PRO A 27 -10.08 -15.49 4.25
CA PRO A 27 -10.60 -15.39 2.88
C PRO A 27 -11.78 -14.47 2.61
N PHE A 28 -12.57 -14.15 3.62
CA PHE A 28 -13.68 -13.25 3.43
C PHE A 28 -13.39 -11.79 3.85
N LEU A 29 -12.21 -11.59 4.40
CA LEU A 29 -11.79 -10.31 4.85
C LEU A 29 -11.76 -9.31 3.70
N CYS A 30 -10.96 -9.55 2.65
CA CYS A 30 -10.80 -8.58 1.62
C CYS A 30 -11.56 -8.94 0.35
N THR A 31 -11.54 -8.04 -0.63
CA THR A 31 -12.10 -8.40 -1.91
C THR A 31 -10.98 -8.79 -2.89
N HIS A 32 -9.84 -8.17 -2.72
CA HIS A 32 -8.69 -8.44 -3.56
C HIS A 32 -7.48 -8.60 -2.63
N VAL A 33 -6.60 -9.54 -2.89
CA VAL A 33 -5.39 -9.67 -2.10
C VAL A 33 -4.33 -9.56 -3.13
N ILE A 34 -3.37 -8.72 -2.88
CA ILE A 34 -2.27 -8.52 -3.82
C ILE A 34 -0.94 -9.05 -3.34
N TYR A 35 -0.32 -10.03 -4.03
CA TYR A 35 1.04 -10.54 -3.64
C TYR A 35 2.13 -9.57 -4.04
N SER A 36 2.97 -9.18 -3.12
CA SER A 36 4.08 -8.22 -3.36
C SER A 36 5.42 -8.88 -3.10
N PHE A 37 6.44 -8.86 -3.96
CA PHE A 37 6.49 -8.28 -5.31
C PHE A 37 7.11 -9.37 -6.20
N ALA A 38 6.79 -9.27 -7.49
CA ALA A 38 7.35 -10.07 -8.56
C ALA A 38 8.67 -9.38 -8.96
N ASN A 39 9.57 -10.06 -9.68
CA ASN A 39 10.82 -9.53 -10.19
C ASN A 39 10.72 -9.47 -11.71
N ILE A 40 11.57 -8.75 -12.41
CA ILE A 40 11.61 -8.83 -13.88
C ILE A 40 12.99 -9.44 -14.32
N SER A 41 12.97 -10.50 -15.15
CA SER A 41 14.26 -11.05 -15.54
C SER A 41 14.28 -11.47 -17.01
N ASN A 42 15.34 -11.14 -17.74
CA ASN A 42 15.41 -11.41 -19.16
C ASN A 42 14.20 -10.77 -19.72
N ASN A 43 13.96 -9.52 -19.32
CA ASN A 43 12.79 -8.74 -19.75
C ASN A 43 11.40 -9.38 -19.51
N GLU A 44 11.37 -10.47 -18.72
CA GLU A 44 10.13 -11.21 -18.46
C GLU A 44 9.71 -11.14 -16.95
N ILE A 45 8.40 -11.20 -16.65
CA ILE A 45 7.96 -11.20 -15.25
C ILE A 45 8.48 -12.46 -14.62
N ASP A 46 8.90 -12.51 -13.36
CA ASP A 46 9.45 -13.75 -12.83
C ASP A 46 9.28 -13.73 -11.33
N THR A 47 9.57 -14.84 -10.64
CA THR A 47 9.40 -14.87 -9.18
C THR A 47 10.42 -14.03 -8.42
N TRP A 48 10.33 -13.88 -7.13
CA TRP A 48 11.38 -13.13 -6.43
C TRP A 48 12.11 -14.14 -5.48
N GLU A 49 11.39 -14.61 -4.47
CA GLU A 49 11.98 -15.52 -3.53
C GLU A 49 12.01 -16.93 -4.16
N TRP A 50 12.75 -17.81 -3.47
CA TRP A 50 12.91 -19.19 -3.90
C TRP A 50 11.55 -19.93 -3.89
N ASN A 51 10.84 -19.83 -2.78
CA ASN A 51 9.59 -20.54 -2.65
C ASN A 51 8.38 -19.78 -3.06
N ASP A 52 8.49 -18.75 -3.89
CA ASP A 52 7.29 -18.04 -4.32
C ASP A 52 6.31 -19.02 -4.96
N VAL A 53 6.72 -19.92 -5.84
CA VAL A 53 5.72 -20.78 -6.47
C VAL A 53 4.85 -21.41 -5.44
N THR A 54 5.42 -21.77 -4.29
CA THR A 54 4.63 -22.41 -3.28
C THR A 54 3.64 -21.42 -2.69
N LEU A 55 4.12 -20.24 -2.37
CA LEU A 55 3.30 -19.25 -1.69
C LEU A 55 2.17 -18.80 -2.58
N TYR A 56 2.47 -18.61 -3.87
CA TYR A 56 1.47 -18.16 -4.84
C TYR A 56 0.29 -19.19 -4.79
N ASP A 57 0.71 -20.43 -4.71
CA ASP A 57 -0.13 -21.55 -4.67
C ASP A 57 -0.99 -21.54 -3.39
N THR A 58 -0.36 -21.29 -2.26
CA THR A 58 -1.05 -21.20 -0.99
C THR A 58 -2.13 -20.13 -0.96
N LEU A 59 -1.77 -18.96 -1.49
CA LEU A 59 -2.58 -17.78 -1.54
C LEU A 59 -3.72 -17.98 -2.49
N ASN A 60 -3.48 -18.62 -3.60
CA ASN A 60 -4.56 -18.80 -4.54
C ASN A 60 -5.53 -19.91 -4.17
N THR A 61 -5.24 -20.69 -3.12
CA THR A 61 -6.21 -21.70 -2.64
C THR A 61 -7.28 -21.03 -1.83
N LEU A 62 -7.00 -19.87 -1.27
CA LEU A 62 -8.03 -19.17 -0.53
C LEU A 62 -9.28 -19.06 -1.39
N LYS A 63 -9.07 -19.01 -2.69
CA LYS A 63 -10.18 -18.93 -3.61
C LYS A 63 -11.06 -20.18 -3.57
N ASN A 64 -10.54 -21.28 -3.04
CA ASN A 64 -11.42 -22.44 -2.83
C ASN A 64 -12.48 -22.15 -1.81
N ARG A 65 -12.15 -21.39 -0.78
CA ARG A 65 -13.17 -21.09 0.20
C ARG A 65 -14.06 -19.97 -0.21
N ASN A 66 -13.55 -19.15 -1.11
CA ASN A 66 -14.24 -17.91 -1.50
C ASN A 66 -14.04 -17.66 -2.97
N PRO A 67 -15.00 -18.11 -3.75
CA PRO A 67 -14.94 -18.07 -5.22
C PRO A 67 -14.97 -16.63 -5.77
N ASN A 68 -15.64 -15.73 -5.07
CA ASN A 68 -15.65 -14.33 -5.48
C ASN A 68 -14.30 -13.51 -5.21
N LEU A 69 -13.36 -14.01 -4.40
CA LEU A 69 -12.09 -13.36 -4.17
C LEU A 69 -11.09 -13.32 -5.33
N LYS A 70 -10.59 -12.15 -5.70
CA LYS A 70 -9.63 -12.04 -6.76
C LYS A 70 -8.25 -11.76 -6.18
N THR A 71 -7.20 -12.26 -6.83
CA THR A 71 -5.82 -11.99 -6.39
C THR A 71 -4.97 -11.36 -7.51
N LEU A 72 -3.96 -10.59 -7.17
CA LEU A 72 -3.12 -9.92 -8.19
C LEU A 72 -1.69 -10.07 -7.79
N LEU A 73 -0.77 -10.04 -8.74
CA LEU A 73 0.65 -10.09 -8.43
C LEU A 73 1.17 -8.65 -8.68
N SER A 74 1.97 -8.06 -7.81
CA SER A 74 2.52 -6.73 -8.00
C SER A 74 4.02 -6.83 -8.52
N VAL A 75 4.36 -6.12 -9.59
CA VAL A 75 5.73 -5.96 -10.09
C VAL A 75 6.22 -4.61 -9.60
N GLY A 76 7.48 -4.55 -9.17
CA GLY A 76 8.07 -3.29 -8.78
C GLY A 76 8.40 -3.29 -7.32
N GLY A 77 7.99 -2.26 -6.58
CA GLY A 77 8.33 -2.21 -5.16
C GLY A 77 9.50 -1.28 -4.98
N TRP A 78 9.78 -0.87 -3.73
CA TRP A 78 10.89 0.09 -3.48
C TRP A 78 12.29 -0.53 -3.70
N ASN A 79 12.47 -1.78 -3.27
CA ASN A 79 13.75 -2.48 -3.34
C ASN A 79 13.99 -2.99 -4.75
N TYR A 80 13.31 -2.30 -5.66
CA TYR A 80 13.39 -2.60 -7.08
C TYR A 80 13.80 -1.29 -7.75
N GLY A 81 14.83 -1.29 -8.56
CA GLY A 81 15.18 -0.01 -9.15
C GLY A 81 14.12 0.68 -10.01
N SER A 82 13.87 1.99 -9.80
CA SER A 82 13.02 2.75 -10.72
C SER A 82 13.67 2.75 -12.09
N GLN A 83 14.98 2.78 -12.06
CA GLN A 83 15.81 2.79 -13.20
C GLN A 83 15.58 1.57 -14.08
N ARG A 84 15.53 0.41 -13.43
CA ARG A 84 15.33 -0.85 -14.12
C ARG A 84 14.02 -0.76 -14.86
N PHE A 85 12.93 -0.37 -14.19
CA PHE A 85 11.66 -0.23 -14.90
C PHE A 85 11.78 0.71 -16.08
N SER A 86 12.37 1.85 -15.80
CA SER A 86 12.51 2.89 -16.84
C SER A 86 13.18 2.37 -18.12
N LYS A 87 14.14 1.46 -17.94
CA LYS A 87 14.87 0.87 -19.05
C LYS A 87 13.98 -0.08 -19.86
N ILE A 88 13.13 -0.85 -19.21
CA ILE A 88 12.32 -1.78 -19.91
C ILE A 88 11.24 -1.02 -20.60
N ALA A 89 10.81 0.13 -20.09
CA ALA A 89 9.66 0.77 -20.71
C ALA A 89 9.90 1.66 -21.89
N SER A 90 11.08 2.23 -22.00
CA SER A 90 11.41 3.17 -23.11
C SER A 90 11.80 2.52 -24.45
N LYS A 91 12.23 1.26 -24.41
CA LYS A 91 12.64 0.57 -25.62
C LYS A 91 11.57 -0.36 -26.02
N THR A 92 10.90 -0.09 -27.13
CA THR A 92 9.80 -0.97 -27.56
C THR A 92 10.12 -2.46 -27.66
N GLN A 93 11.29 -2.86 -28.06
CA GLN A 93 11.53 -4.30 -28.10
C GLN A 93 11.57 -4.98 -26.68
N SER A 94 11.89 -4.19 -25.66
CA SER A 94 11.92 -4.71 -24.32
C SER A 94 10.53 -4.68 -23.66
N ARG A 95 9.82 -3.57 -23.86
CA ARG A 95 8.52 -3.44 -23.31
C ARG A 95 7.59 -4.55 -23.83
N ARG A 96 7.54 -4.75 -25.14
CA ARG A 96 6.72 -5.78 -25.72
C ARG A 96 7.02 -7.15 -25.12
N THR A 97 8.30 -7.45 -24.90
CA THR A 97 8.72 -8.74 -24.35
C THR A 97 8.20 -8.91 -22.96
N PHE A 98 8.26 -7.81 -22.19
CA PHE A 98 7.74 -7.79 -20.81
C PHE A 98 6.24 -8.05 -20.88
N ILE A 99 5.56 -7.22 -21.66
CA ILE A 99 4.11 -7.37 -21.87
C ILE A 99 3.64 -8.77 -22.23
N LYS A 100 4.21 -9.34 -23.28
CA LYS A 100 3.84 -10.65 -23.78
C LYS A 100 3.99 -11.74 -22.77
N SER A 101 4.86 -11.55 -21.80
CA SER A 101 5.10 -12.62 -20.86
C SER A 101 4.20 -12.69 -19.70
N VAL A 102 3.38 -11.66 -19.47
CA VAL A 102 2.55 -11.60 -18.27
C VAL A 102 1.30 -12.50 -18.29
N PRO A 103 0.46 -12.42 -19.33
CA PRO A 103 -0.74 -13.30 -19.28
C PRO A 103 -0.38 -14.77 -19.02
N PRO A 104 0.53 -15.34 -19.78
CA PRO A 104 0.97 -16.72 -19.51
C PRO A 104 1.42 -16.96 -18.08
N PHE A 105 2.19 -16.05 -17.52
CA PHE A 105 2.68 -16.30 -16.15
C PHE A 105 1.54 -16.27 -15.08
N LEU A 106 0.68 -15.28 -15.23
CA LEU A 106 -0.40 -15.10 -14.29
C LEU A 106 -1.36 -16.30 -14.39
N ARG A 107 -1.69 -16.70 -15.62
CA ARG A 107 -2.53 -17.86 -15.84
C ARG A 107 -1.88 -19.08 -15.20
N THR A 108 -0.62 -19.32 -15.39
CA THR A 108 -0.06 -20.52 -14.79
C THR A 108 -0.28 -20.54 -13.28
N HIS A 109 0.09 -19.48 -12.61
CA HIS A 109 0.05 -19.44 -11.15
C HIS A 109 -1.28 -19.01 -10.59
N GLY A 110 -2.24 -18.90 -11.48
CA GLY A 110 -3.58 -18.60 -11.05
C GLY A 110 -3.91 -17.28 -10.45
N PHE A 111 -3.28 -16.22 -10.91
CA PHE A 111 -3.64 -14.87 -10.52
C PHE A 111 -4.68 -14.33 -11.42
N ASP A 112 -5.39 -13.34 -10.91
CA ASP A 112 -6.42 -12.70 -11.70
C ASP A 112 -5.98 -11.39 -12.36
N GLY A 113 -4.82 -10.85 -12.01
CA GLY A 113 -4.41 -9.57 -12.54
C GLY A 113 -3.01 -9.11 -12.21
N LEU A 114 -2.56 -8.01 -12.79
CA LEU A 114 -1.24 -7.50 -12.47
C LEU A 114 -1.39 -6.11 -11.86
N ASP A 115 -0.54 -5.83 -10.90
CA ASP A 115 -0.47 -4.58 -10.23
C ASP A 115 0.86 -3.92 -10.59
N LEU A 116 0.81 -2.71 -11.16
CA LEU A 116 2.07 -2.00 -11.46
C LEU A 116 2.53 -1.12 -10.28
N ALA A 117 3.65 -1.48 -9.68
CA ALA A 117 4.14 -0.70 -8.55
C ALA A 117 5.48 -0.06 -8.88
N TRP A 118 5.46 0.81 -9.86
CA TRP A 118 6.63 1.46 -10.33
C TRP A 118 6.86 2.62 -9.41
N LEU A 119 7.85 2.55 -8.53
CA LEU A 119 8.04 3.70 -7.61
C LEU A 119 9.43 4.35 -7.82
N TRP A 120 9.55 5.48 -8.51
CA TRP A 120 8.54 6.32 -9.07
C TRP A 120 9.04 6.80 -10.49
N PRO A 121 8.18 7.17 -11.43
CA PRO A 121 8.66 7.64 -12.73
C PRO A 121 9.24 8.99 -12.59
N GLY A 122 10.33 9.35 -13.30
CA GLY A 122 10.91 10.65 -13.32
C GLY A 122 10.14 11.47 -14.35
N TRP A 123 10.50 12.74 -14.52
CA TRP A 123 9.79 13.60 -15.48
C TRP A 123 10.03 13.08 -16.89
N ARG A 124 11.17 12.44 -17.14
CA ARG A 124 11.41 11.88 -18.47
C ARG A 124 10.63 10.62 -18.75
N ASP A 125 10.17 9.93 -17.69
CA ASP A 125 9.41 8.67 -17.79
C ASP A 125 7.89 8.70 -17.98
N LYS A 126 7.25 9.84 -17.72
CA LYS A 126 5.78 9.95 -17.74
C LYS A 126 5.19 9.34 -19.02
N ARG A 127 5.72 9.77 -20.17
CA ARG A 127 5.33 9.29 -21.50
C ARG A 127 5.48 7.76 -21.61
N HIS A 128 6.52 7.22 -21.05
CA HIS A 128 6.65 5.80 -21.04
C HIS A 128 5.73 4.98 -20.11
N LEU A 129 5.31 5.53 -18.96
CA LEU A 129 4.40 4.81 -18.07
C LEU A 129 3.08 4.70 -18.83
N THR A 130 2.67 5.82 -19.37
CA THR A 130 1.47 5.84 -20.13
C THR A 130 1.41 4.76 -21.24
N THR A 131 2.51 4.56 -21.96
CA THR A 131 2.59 3.59 -23.03
C THR A 131 2.50 2.20 -22.43
N LEU A 132 3.22 2.01 -21.32
CA LEU A 132 3.23 0.73 -20.62
C LEU A 132 1.82 0.36 -20.22
N VAL A 133 1.18 1.25 -19.53
CA VAL A 133 -0.19 0.99 -19.14
C VAL A 133 -1.15 0.64 -20.31
N LYS A 134 -0.98 1.34 -21.43
CA LYS A 134 -1.86 1.26 -22.59
C LYS A 134 -1.69 -0.03 -23.34
N GLU A 135 -0.44 -0.33 -23.60
CA GLU A 135 -0.14 -1.56 -24.28
C GLU A 135 -0.44 -2.78 -23.45
N MET A 136 -0.26 -2.69 -22.12
CA MET A 136 -0.48 -3.79 -21.20
C MET A 136 -1.94 -4.18 -21.16
N LYS A 137 -2.79 -3.18 -21.08
CA LYS A 137 -4.22 -3.43 -21.09
C LYS A 137 -4.67 -4.00 -22.41
N ALA A 138 -4.11 -3.53 -23.54
CA ALA A 138 -4.45 -3.94 -24.88
C ALA A 138 -4.14 -5.41 -24.98
N GLU A 139 -3.04 -5.84 -24.40
CA GLU A 139 -2.74 -7.26 -24.42
C GLU A 139 -3.69 -8.06 -23.57
N PHE A 140 -4.10 -7.51 -22.43
CA PHE A 140 -5.03 -8.23 -21.61
C PHE A 140 -6.32 -8.37 -22.34
N VAL A 141 -6.70 -7.35 -23.10
CA VAL A 141 -7.97 -7.40 -23.82
C VAL A 141 -8.00 -8.45 -24.92
N ARG A 142 -6.87 -8.57 -25.60
CA ARG A 142 -6.66 -9.47 -26.69
C ARG A 142 -6.63 -10.88 -26.17
N GLU A 143 -6.07 -11.07 -25.00
CA GLU A 143 -6.02 -12.41 -24.44
C GLU A 143 -7.41 -12.93 -24.04
N ALA A 144 -8.33 -12.07 -23.64
CA ALA A 144 -9.66 -12.52 -23.28
C ALA A 144 -10.44 -13.13 -24.45
N GLN A 145 -9.99 -12.88 -25.67
CA GLN A 145 -10.67 -13.37 -26.82
C GLN A 145 -10.65 -14.87 -26.79
N ALA A 146 -9.70 -15.42 -26.07
CA ALA A 146 -9.62 -16.88 -25.97
C ALA A 146 -10.63 -17.49 -25.06
N GLY A 147 -11.58 -16.71 -24.57
CA GLY A 147 -12.63 -17.23 -23.73
C GLY A 147 -12.34 -17.29 -22.24
N THR A 148 -11.34 -16.56 -21.79
CA THR A 148 -11.09 -16.48 -20.34
C THR A 148 -11.55 -15.15 -19.79
N GLU A 149 -11.74 -15.07 -18.51
CA GLU A 149 -12.15 -13.79 -17.91
C GLU A 149 -10.99 -12.82 -17.95
N GLN A 150 -11.17 -11.64 -18.52
CA GLN A 150 -10.12 -10.64 -18.67
C GLN A 150 -9.31 -10.41 -17.41
N LEU A 151 -8.01 -10.36 -17.54
CA LEU A 151 -7.15 -10.07 -16.39
C LEU A 151 -7.36 -8.61 -15.96
N LEU A 152 -7.16 -8.31 -14.67
CA LEU A 152 -7.33 -6.98 -14.18
C LEU A 152 -6.00 -6.26 -14.31
N LEU A 153 -6.03 -4.95 -14.38
CA LEU A 153 -4.73 -4.27 -14.40
C LEU A 153 -4.84 -3.08 -13.47
N SER A 154 -3.94 -3.03 -12.49
CA SER A 154 -3.98 -1.87 -11.59
C SER A 154 -2.65 -1.26 -11.38
N ALA A 155 -2.60 -0.17 -10.62
CA ALA A 155 -1.35 0.58 -10.39
C ALA A 155 -1.37 1.23 -9.05
N ALA A 156 -0.19 1.30 -8.47
CA ALA A 156 0.00 1.97 -7.20
C ALA A 156 0.58 3.39 -7.52
N VAL A 157 -0.12 4.45 -7.12
CA VAL A 157 0.29 5.79 -7.44
C VAL A 157 0.55 6.57 -6.16
N THR A 158 1.76 7.07 -6.07
CA THR A 158 2.22 7.75 -4.90
C THR A 158 1.34 8.99 -4.66
N ALA A 159 1.36 9.63 -3.51
CA ALA A 159 0.35 10.68 -3.19
C ALA A 159 0.86 12.11 -2.98
N GLY A 160 2.18 12.34 -3.01
CA GLY A 160 2.64 13.71 -2.93
C GLY A 160 2.43 14.38 -4.26
N LYS A 161 1.91 15.56 -4.18
CA LYS A 161 1.59 16.34 -5.35
C LYS A 161 2.71 16.45 -6.39
N ILE A 162 3.89 16.78 -5.94
CA ILE A 162 5.03 16.94 -6.79
C ILE A 162 5.42 15.67 -7.53
N ALA A 163 5.30 14.57 -6.82
CA ALA A 163 5.56 13.27 -7.36
C ALA A 163 4.59 12.97 -8.50
N ILE A 164 3.31 13.32 -8.28
CA ILE A 164 2.25 13.01 -9.25
C ILE A 164 2.46 13.78 -10.51
N ASP A 165 2.75 15.09 -10.38
CA ASP A 165 2.89 15.95 -11.55
C ASP A 165 4.07 15.56 -12.42
N ARG A 166 5.13 15.12 -11.74
CA ARG A 166 6.39 14.76 -12.37
C ARG A 166 6.21 13.62 -13.29
N GLY A 167 5.57 12.55 -12.81
CA GLY A 167 5.50 11.34 -13.59
C GLY A 167 4.24 10.58 -13.90
N TYR A 168 3.10 11.13 -13.62
CA TYR A 168 1.89 10.39 -13.91
C TYR A 168 0.93 11.25 -14.74
N ASP A 169 0.50 10.68 -15.84
CA ASP A 169 -0.52 11.27 -16.68
C ASP A 169 -1.84 10.69 -16.20
N ILE A 170 -2.24 11.09 -15.02
CA ILE A 170 -3.52 10.66 -14.47
C ILE A 170 -4.72 10.56 -15.42
N ALA A 171 -5.01 11.61 -16.16
CA ALA A 171 -6.15 11.55 -17.09
C ALA A 171 -6.06 10.35 -18.08
N GLN A 172 -4.86 10.13 -18.60
CA GLN A 172 -4.60 9.07 -19.55
C GLN A 172 -4.59 7.69 -18.93
N ILE A 173 -3.89 7.45 -17.83
CA ILE A 173 -3.81 6.11 -17.34
C ILE A 173 -5.11 5.63 -16.74
N SER A 174 -5.95 6.51 -16.28
CA SER A 174 -7.22 6.07 -15.63
C SER A 174 -8.21 5.42 -16.56
N ARG A 175 -8.14 5.74 -17.86
CA ARG A 175 -9.06 5.10 -18.77
C ARG A 175 -8.66 3.68 -19.01
N HIS A 176 -7.41 3.35 -18.75
CA HIS A 176 -6.97 1.97 -18.97
C HIS A 176 -6.86 1.04 -17.76
N LEU A 177 -6.67 1.57 -16.55
CA LEU A 177 -6.54 0.76 -15.36
C LEU A 177 -7.89 0.39 -14.83
N ASP A 178 -7.93 -0.64 -13.98
CA ASP A 178 -9.17 -1.07 -13.35
C ASP A 178 -9.35 -0.37 -12.02
N PHE A 179 -8.27 -0.03 -11.37
CA PHE A 179 -8.31 0.78 -10.15
C PHE A 179 -6.91 1.30 -9.88
N ILE A 180 -6.82 2.38 -9.10
CA ILE A 180 -5.60 3.07 -8.77
C ILE A 180 -5.54 3.11 -7.28
N SER A 181 -4.48 2.66 -6.65
CA SER A 181 -4.45 2.77 -5.22
C SER A 181 -3.58 3.92 -4.86
N LEU A 182 -4.10 4.83 -4.04
CA LEU A 182 -3.33 6.04 -3.62
C LEU A 182 -2.53 5.81 -2.35
N LEU A 183 -1.21 5.88 -2.42
CA LEU A 183 -0.37 5.59 -1.24
C LEU A 183 -0.40 6.76 -0.32
N THR A 184 -1.55 7.03 0.26
CA THR A 184 -1.69 8.15 1.21
C THR A 184 -1.07 7.88 2.58
N TYR A 185 0.16 7.39 2.64
CA TYR A 185 0.71 7.08 3.95
C TYR A 185 2.13 7.45 4.08
N ASP A 186 2.62 8.21 3.13
CA ASP A 186 4.01 8.58 3.17
C ASP A 186 4.26 10.07 3.12
N PHE A 187 3.60 10.84 4.00
CA PHE A 187 3.69 12.30 4.00
C PHE A 187 4.73 12.84 4.93
N HIS A 188 5.41 11.97 5.64
CA HIS A 188 6.47 12.42 6.53
C HIS A 188 7.45 11.31 6.65
N GLY A 189 8.64 11.61 7.14
CA GLY A 189 9.66 10.58 7.21
C GLY A 189 10.89 11.02 7.94
N ALA A 190 11.79 10.10 8.25
CA ALA A 190 13.02 10.51 8.94
C ALA A 190 13.77 11.59 8.17
N TRP A 191 13.62 11.62 6.85
CA TRP A 191 14.34 12.62 6.03
C TRP A 191 14.07 14.08 6.39
N ARG A 192 13.21 14.32 7.36
CA ARG A 192 12.86 15.69 7.73
C ARG A 192 13.25 15.70 9.15
N GLN A 193 14.22 16.47 9.54
CA GLN A 193 14.74 16.37 10.89
C GLN A 193 13.75 16.76 12.02
N THR A 194 12.47 16.60 11.79
CA THR A 194 11.52 16.78 12.90
C THR A 194 10.42 15.70 12.97
N VAL A 195 9.70 15.67 14.08
CA VAL A 195 8.62 14.72 14.40
C VAL A 195 7.36 15.08 13.60
N GLY A 196 6.57 14.12 13.13
CA GLY A 196 5.43 14.49 12.26
C GLY A 196 4.62 13.27 11.86
N HIS A 197 3.36 13.42 11.55
CA HIS A 197 2.59 12.22 11.12
C HIS A 197 2.66 11.97 9.62
N HIS A 198 2.75 10.72 9.20
CA HIS A 198 2.87 10.33 7.79
C HIS A 198 1.55 10.06 7.13
N SER A 199 0.46 9.96 7.88
CA SER A 199 -0.86 9.74 7.26
C SER A 199 -1.99 10.59 7.84
N PRO A 200 -1.75 11.88 7.95
CA PRO A 200 -2.79 12.73 8.56
C PRO A 200 -3.97 12.69 7.57
N LEU A 201 -5.17 12.85 8.06
CA LEU A 201 -6.29 12.77 7.14
C LEU A 201 -6.64 14.15 6.61
N PHE A 202 -6.51 15.18 7.44
CA PHE A 202 -6.81 16.55 7.08
C PHE A 202 -5.59 17.40 7.32
N ARG A 203 -5.65 18.61 6.79
CA ARG A 203 -4.57 19.60 6.81
C ARG A 203 -4.28 20.11 8.22
N GLY A 204 -5.32 20.44 8.99
CA GLY A 204 -5.04 20.95 10.31
C GLY A 204 -4.33 22.30 10.22
N ASN A 205 -5.13 23.35 10.43
CA ASN A 205 -4.70 24.77 10.36
C ASN A 205 -3.52 25.12 11.28
N GLU A 206 -2.75 24.12 11.72
CA GLU A 206 -1.55 24.41 12.47
C GLU A 206 -0.52 25.00 11.48
N ASP A 207 0.10 24.13 10.66
CA ASP A 207 1.13 24.59 9.73
C ASP A 207 0.65 24.79 8.26
N ALA A 208 1.31 25.68 7.51
CA ALA A 208 0.79 26.02 6.16
C ALA A 208 1.77 26.13 4.97
N SER A 209 2.86 25.37 4.98
CA SER A 209 3.72 25.33 3.77
C SER A 209 3.40 24.03 3.04
N SER A 210 3.18 22.97 3.82
CA SER A 210 2.83 21.67 3.23
C SER A 210 1.34 21.46 3.49
N ARG A 211 0.45 22.15 2.63
CA ARG A 211 -0.97 21.98 2.76
C ARG A 211 -1.36 20.89 1.78
N PHE A 212 -0.38 20.39 1.04
CA PHE A 212 -0.61 19.33 0.12
C PHE A 212 -0.26 17.93 0.72
N SER A 213 0.03 17.85 2.01
CA SER A 213 0.50 16.64 2.60
C SER A 213 -0.51 15.99 3.50
N ASN A 214 -1.66 15.58 2.97
CA ASN A 214 -2.64 14.85 3.71
C ASN A 214 -3.53 14.13 2.73
N ALA A 215 -4.18 13.06 3.17
CA ALA A 215 -5.08 12.29 2.32
C ALA A 215 -6.16 13.16 1.62
N ASP A 216 -6.83 13.99 2.38
CA ASP A 216 -7.83 14.85 1.78
C ASP A 216 -7.34 15.67 0.54
N TYR A 217 -6.21 16.29 0.64
CA TYR A 217 -5.76 17.04 -0.52
C TYR A 217 -5.49 16.08 -1.70
N ALA A 218 -4.68 15.02 -1.45
CA ALA A 218 -4.31 14.06 -2.48
C ALA A 218 -5.52 13.52 -3.21
N VAL A 219 -6.56 13.19 -2.43
CA VAL A 219 -7.78 12.64 -3.03
C VAL A 219 -8.45 13.68 -3.89
N SER A 220 -8.48 14.92 -3.46
CA SER A 220 -9.10 15.93 -4.32
C SER A 220 -8.28 16.23 -5.58
N TYR A 221 -6.98 16.28 -5.45
CA TYR A 221 -6.13 16.55 -6.60
C TYR A 221 -6.29 15.49 -7.66
N MET A 222 -6.22 14.22 -7.27
CA MET A 222 -6.51 13.12 -8.20
C MET A 222 -7.91 13.25 -8.88
N LEU A 223 -8.90 13.65 -8.09
CA LEU A 223 -10.19 13.84 -8.68
C LEU A 223 -10.14 15.00 -9.69
N ARG A 224 -9.48 16.11 -9.41
CA ARG A 224 -9.40 17.18 -10.36
C ARG A 224 -8.63 16.79 -11.57
N LEU A 225 -7.65 15.89 -11.41
CA LEU A 225 -6.81 15.53 -12.55
C LEU A 225 -7.53 14.55 -13.50
N GLY A 226 -8.73 14.08 -13.14
CA GLY A 226 -9.44 13.19 -14.04
C GLY A 226 -9.62 11.71 -13.71
N ALA A 227 -9.10 11.25 -12.60
CA ALA A 227 -9.43 9.93 -12.19
C ALA A 227 -10.85 9.85 -11.66
N PRO A 228 -11.63 8.94 -12.19
CA PRO A 228 -13.02 8.81 -11.69
C PRO A 228 -13.04 8.27 -10.29
N ALA A 229 -14.02 8.61 -9.51
CA ALA A 229 -14.07 8.15 -8.15
C ALA A 229 -14.22 6.64 -8.13
N ASN A 230 -14.99 6.08 -9.10
CA ASN A 230 -15.26 4.68 -9.11
C ASN A 230 -13.99 3.89 -9.43
N LYS A 231 -12.85 4.57 -9.59
CA LYS A 231 -11.55 3.86 -9.80
C LYS A 231 -10.44 4.19 -8.77
N LEU A 232 -10.64 5.22 -7.95
CA LEU A 232 -9.67 5.60 -6.99
C LEU A 232 -9.81 4.78 -5.72
N VAL A 233 -8.72 4.35 -5.11
CA VAL A 233 -8.80 3.62 -3.88
C VAL A 233 -7.82 4.26 -2.90
N MET A 234 -8.26 4.56 -1.67
CA MET A 234 -7.42 5.28 -0.69
C MET A 234 -6.56 4.39 0.18
N GLY A 235 -5.26 4.66 0.28
CA GLY A 235 -4.45 3.76 1.05
C GLY A 235 -4.43 3.99 2.54
N ILE A 236 -4.55 2.91 3.30
CA ILE A 236 -4.57 3.07 4.74
C ILE A 236 -3.55 2.19 5.34
N PRO A 237 -2.64 2.75 6.08
CA PRO A 237 -1.55 1.98 6.63
C PRO A 237 -1.94 1.28 7.95
N THR A 238 -1.31 0.19 8.17
CA THR A 238 -1.45 -0.67 9.29
C THR A 238 -0.12 -0.72 10.09
N PHE A 239 0.91 -0.04 9.61
CA PHE A 239 2.13 0.15 10.42
C PHE A 239 2.24 1.58 10.90
N GLY A 240 3.34 1.85 11.54
CA GLY A 240 3.56 3.19 12.09
C GLY A 240 4.97 3.57 11.87
N ARG A 241 5.26 4.86 11.94
CA ARG A 241 6.67 5.21 11.76
C ARG A 241 7.22 5.68 13.03
N SER A 242 8.41 5.21 13.34
CA SER A 242 9.09 5.59 14.57
C SER A 242 10.21 6.58 14.41
N TYR A 243 10.50 7.35 15.47
CA TYR A 243 11.61 8.31 15.46
C TYR A 243 12.37 8.39 16.82
N THR A 244 13.70 8.55 16.80
CA THR A 244 14.51 8.70 18.03
C THR A 244 14.56 10.20 18.34
N LEU A 245 14.03 10.64 19.48
CA LEU A 245 14.01 12.08 19.79
C LEU A 245 15.36 12.60 20.14
N ALA A 246 15.61 13.83 19.74
CA ALA A 246 16.89 14.45 20.05
C ALA A 246 16.77 15.42 21.23
N SER A 247 15.73 15.35 22.04
CA SER A 247 15.65 16.33 23.13
C SER A 247 14.59 15.92 24.14
N SER A 248 13.87 16.82 24.73
CA SER A 248 12.82 16.30 25.57
C SER A 248 11.54 16.89 24.99
N LYS A 249 11.73 17.59 23.88
CA LYS A 249 10.61 18.18 23.17
C LYS A 249 9.86 17.01 22.54
N THR A 250 8.62 16.87 22.94
CA THR A 250 7.72 15.82 22.48
C THR A 250 6.57 16.31 21.59
N ASP A 251 6.25 17.59 21.65
CA ASP A 251 5.15 18.20 20.87
C ASP A 251 5.46 18.39 19.41
N VAL A 252 4.47 18.88 18.65
CA VAL A 252 4.62 19.09 17.22
C VAL A 252 5.88 19.86 17.02
N GLY A 253 6.56 19.63 15.88
CA GLY A 253 7.77 20.37 15.61
C GLY A 253 9.01 19.84 16.30
N ALA A 254 8.87 19.15 17.44
CA ALA A 254 10.03 18.55 18.16
C ALA A 254 11.20 18.01 17.28
N PRO A 255 12.46 18.18 17.68
CA PRO A 255 13.64 17.75 16.92
C PRO A 255 13.91 16.23 16.96
N ILE A 256 14.58 15.71 15.94
CA ILE A 256 14.83 14.30 15.83
C ILE A 256 16.28 13.98 15.60
N SER A 257 16.73 12.83 16.06
CA SER A 257 18.10 12.43 15.88
C SER A 257 18.22 11.41 14.72
N GLY A 258 17.16 10.68 14.49
CA GLY A 258 17.10 9.77 13.39
C GLY A 258 15.86 8.90 13.53
N PRO A 259 15.81 7.80 12.79
CA PRO A 259 14.70 6.86 12.88
C PRO A 259 14.69 6.17 14.25
N GLY A 260 13.56 5.54 14.58
CA GLY A 260 13.37 4.81 15.83
C GLY A 260 14.09 3.45 15.88
N ILE A 261 14.31 2.88 17.04
CA ILE A 261 15.02 1.62 17.12
C ILE A 261 14.09 0.57 16.56
N PRO A 262 14.62 -0.51 16.04
CA PRO A 262 13.85 -1.56 15.38
C PRO A 262 12.93 -2.31 16.34
N GLY A 263 11.88 -2.90 15.78
CA GLY A 263 10.94 -3.74 16.50
C GLY A 263 11.46 -5.13 16.66
N ARG A 264 11.08 -5.79 17.75
CA ARG A 264 11.49 -7.14 18.07
C ARG A 264 11.27 -8.14 16.88
N PHE A 265 10.20 -7.93 16.14
CA PHE A 265 9.82 -8.83 15.09
C PHE A 265 10.02 -8.24 13.71
N THR A 266 9.68 -6.99 13.45
CA THR A 266 9.90 -6.52 12.07
C THR A 266 11.33 -6.12 11.73
N LYS A 267 12.15 -5.94 12.76
CA LYS A 267 13.57 -5.59 12.61
C LYS A 267 13.86 -4.56 11.53
N TRP A 268 13.34 -3.35 11.65
CA TRP A 268 13.55 -2.34 10.64
C TRP A 268 13.56 -0.93 11.23
N LYS A 269 14.65 -0.21 11.03
CA LYS A 269 14.71 1.15 11.53
C LYS A 269 13.60 2.09 10.97
N GLY A 270 12.85 2.68 11.88
CA GLY A 270 11.80 3.58 11.47
C GLY A 270 10.40 3.03 11.17
N ILE A 271 10.23 1.72 11.26
CA ILE A 271 8.96 1.07 11.01
C ILE A 271 8.54 0.22 12.23
N LEU A 272 7.25 0.09 12.49
CA LEU A 272 6.72 -0.78 13.53
C LEU A 272 5.45 -1.40 13.00
N ALA A 273 5.24 -2.68 13.29
CA ALA A 273 3.99 -3.29 12.91
C ALA A 273 2.89 -2.87 13.92
N TYR A 274 1.62 -3.06 13.63
CA TYR A 274 0.62 -2.61 14.58
C TYR A 274 0.66 -3.47 15.84
N TYR A 275 1.05 -4.70 15.62
CA TYR A 275 1.19 -5.59 16.74
C TYR A 275 2.39 -5.25 17.60
N GLU A 276 3.44 -4.70 17.03
CA GLU A 276 4.56 -4.33 17.86
C GLU A 276 4.16 -3.07 18.61
N ILE A 277 3.36 -2.21 17.95
CA ILE A 277 2.84 -0.98 18.54
C ILE A 277 1.93 -1.27 19.73
N CYS A 278 1.07 -2.26 19.58
CA CYS A 278 0.18 -2.57 20.71
C CYS A 278 1.04 -2.89 21.94
N ASP A 279 2.20 -3.56 21.72
CA ASP A 279 3.07 -3.86 22.85
C ASP A 279 3.72 -2.54 23.39
N PHE A 280 4.31 -1.75 22.49
CA PHE A 280 4.87 -0.45 22.80
C PHE A 280 3.94 0.45 23.60
N LEU A 281 2.64 0.40 23.32
CA LEU A 281 1.73 1.32 23.98
C LEU A 281 1.69 1.18 25.50
N HIS A 282 2.05 0.01 26.04
CA HIS A 282 2.06 -0.13 27.50
C HIS A 282 3.10 0.79 28.14
N GLY A 283 2.62 1.73 28.95
CA GLY A 283 3.54 2.65 29.62
C GLY A 283 4.06 3.70 28.67
N ALA A 284 3.24 3.91 27.63
CA ALA A 284 3.54 4.94 26.66
C ALA A 284 2.58 6.11 26.91
N THR A 285 2.86 7.27 26.36
CA THR A 285 1.99 8.42 26.52
C THR A 285 1.15 8.54 25.28
N THR A 286 -0.12 8.47 25.52
CA THR A 286 -1.15 8.54 24.53
C THR A 286 -1.33 9.98 24.05
N HIS A 287 -1.22 10.23 22.74
CA HIS A 287 -1.48 11.58 22.27
C HIS A 287 -2.32 11.54 20.98
N ARG A 288 -2.95 12.65 20.59
CA ARG A 288 -3.75 12.68 19.34
C ARG A 288 -3.97 14.05 18.73
N PHE A 289 -3.49 14.25 17.48
CA PHE A 289 -3.68 15.49 16.70
C PHE A 289 -5.13 15.62 16.37
N ARG A 290 -5.79 16.58 17.02
CA ARG A 290 -7.21 16.75 16.84
C ARG A 290 -7.55 17.35 15.46
N ASP A 291 -6.78 18.34 15.00
CA ASP A 291 -7.00 18.95 13.68
C ASP A 291 -6.84 17.78 12.67
N GLN A 292 -5.67 17.11 12.63
CA GLN A 292 -5.37 16.04 11.62
C GLN A 292 -6.02 14.63 11.82
N GLN A 293 -6.39 14.34 13.06
CA GLN A 293 -7.19 13.15 13.43
C GLN A 293 -6.47 11.85 13.41
N VAL A 294 -5.22 11.88 13.80
CA VAL A 294 -4.45 10.69 13.84
C VAL A 294 -3.66 10.74 15.14
N PRO A 295 -3.37 9.61 15.70
CA PRO A 295 -2.62 9.55 16.94
C PRO A 295 -1.12 9.41 16.84
N TYR A 296 -0.46 9.69 17.96
CA TYR A 296 0.94 9.35 18.14
C TYR A 296 1.28 9.03 19.61
N ALA A 297 2.26 8.24 19.87
CA ALA A 297 2.65 7.94 21.23
C ALA A 297 4.12 8.11 21.41
N THR A 298 4.47 8.30 22.66
CA THR A 298 5.87 8.48 22.99
C THR A 298 6.24 7.94 24.36
N LYS A 299 7.42 7.38 24.45
CA LYS A 299 7.91 6.78 25.65
C LYS A 299 9.43 6.83 25.68
N GLY A 300 10.04 7.28 26.78
CA GLY A 300 11.49 7.40 26.80
C GLY A 300 11.87 8.29 25.65
N ASN A 301 12.85 7.92 24.86
CA ASN A 301 13.21 8.77 23.77
C ASN A 301 12.69 8.36 22.42
N GLN A 302 11.67 7.48 22.41
CA GLN A 302 11.04 7.00 21.18
C GLN A 302 9.75 7.80 20.99
N TRP A 303 9.45 8.10 19.73
CA TRP A 303 8.25 8.90 19.33
C TRP A 303 7.67 8.13 18.12
N VAL A 304 6.42 7.67 18.21
CA VAL A 304 5.82 6.86 17.15
C VAL A 304 4.49 7.46 16.58
N ALA A 305 4.38 7.54 15.27
CA ALA A 305 3.20 8.04 14.59
C ALA A 305 2.47 6.83 13.98
N TYR A 306 1.21 6.61 14.30
CA TYR A 306 0.60 5.41 13.85
C TYR A 306 -0.90 5.62 13.59
N ASP A 307 -1.66 4.56 13.32
CA ASP A 307 -3.12 4.53 13.09
C ASP A 307 -3.78 3.47 13.97
N ASP A 308 -4.91 3.81 14.58
CA ASP A 308 -5.64 2.80 15.33
C ASP A 308 -7.06 2.65 14.83
N GLN A 309 -7.88 1.86 15.49
CA GLN A 309 -9.25 1.63 15.07
C GLN A 309 -9.98 2.92 14.87
N GLU A 310 -9.92 3.88 15.78
CA GLU A 310 -10.64 5.12 15.51
C GLU A 310 -10.13 5.81 14.26
N SER A 311 -8.82 5.87 14.06
CA SER A 311 -8.38 6.68 12.91
C SER A 311 -8.67 6.07 11.62
N VAL A 312 -8.57 4.77 11.60
CA VAL A 312 -8.68 4.02 10.35
C VAL A 312 -10.19 4.00 9.93
N LYS A 313 -11.08 3.96 10.93
CA LYS A 313 -12.54 4.02 10.69
C LYS A 313 -12.89 5.40 10.18
N ASN A 314 -12.24 6.40 10.72
CA ASN A 314 -12.42 7.75 10.24
C ASN A 314 -12.03 7.95 8.79
N LYS A 315 -10.88 7.41 8.41
CA LYS A 315 -10.45 7.44 7.06
C LYS A 315 -11.50 6.73 6.19
N ALA A 316 -11.98 5.57 6.60
CA ALA A 316 -13.02 4.90 5.84
C ALA A 316 -14.30 5.69 5.65
N ARG A 317 -14.76 6.49 6.61
CA ARG A 317 -15.95 7.29 6.32
C ARG A 317 -15.56 8.36 5.31
N TYR A 318 -14.34 8.82 5.38
CA TYR A 318 -14.02 9.82 4.41
C TYR A 318 -14.20 9.31 3.03
N LEU A 319 -13.59 8.19 2.71
CA LEU A 319 -13.69 7.68 1.34
C LEU A 319 -15.14 7.33 0.89
N LYS A 320 -15.97 6.98 1.87
CA LYS A 320 -17.36 6.62 1.62
C LYS A 320 -18.06 7.89 1.24
N ASN A 321 -17.93 8.93 2.04
CA ASN A 321 -18.58 10.19 1.71
C ASN A 321 -18.10 10.82 0.40
N ARG A 322 -16.86 10.59 0.03
CA ARG A 322 -16.44 11.07 -1.25
C ARG A 322 -16.76 10.11 -2.38
N GLN A 323 -17.48 9.06 -2.06
CA GLN A 323 -17.78 7.98 -3.00
C GLN A 323 -16.63 7.41 -3.78
N LEU A 324 -15.56 7.01 -3.09
CA LEU A 324 -14.47 6.40 -3.76
C LEU A 324 -14.80 4.91 -4.00
N ALA A 325 -13.93 4.19 -4.67
CA ALA A 325 -14.19 2.81 -4.95
C ALA A 325 -13.96 1.93 -3.73
N GLY A 326 -13.02 2.31 -2.86
CA GLY A 326 -12.75 1.53 -1.67
C GLY A 326 -11.49 1.93 -0.97
N ALA A 327 -10.90 0.99 -0.24
CA ALA A 327 -9.71 1.24 0.57
C ALA A 327 -8.67 0.19 0.22
N MET A 328 -7.38 0.53 0.37
CA MET A 328 -6.31 -0.41 0.15
C MET A 328 -5.57 -0.38 1.44
N VAL A 329 -5.05 -1.51 1.86
CA VAL A 329 -4.35 -1.61 3.13
C VAL A 329 -2.90 -2.13 2.97
N TRP A 330 -1.91 -1.46 3.54
CA TRP A 330 -0.52 -1.92 3.45
C TRP A 330 -0.27 -2.16 4.88
N ALA A 331 -0.16 -3.40 5.31
CA ALA A 331 -0.24 -4.61 4.54
C ALA A 331 -0.78 -5.57 5.57
N LEU A 332 -1.33 -6.71 5.16
CA LEU A 332 -1.99 -7.60 6.08
C LEU A 332 -1.06 -8.13 7.15
N ASP A 333 0.22 -8.34 6.81
CA ASP A 333 1.18 -8.94 7.71
C ASP A 333 1.72 -7.98 8.71
N LEU A 334 1.33 -6.71 8.62
CA LEU A 334 1.75 -5.74 9.66
C LEU A 334 0.63 -5.46 10.65
N ASP A 335 -0.54 -6.02 10.38
CA ASP A 335 -1.70 -5.89 11.21
C ASP A 335 -1.58 -6.98 12.29
N ASP A 336 -2.45 -7.03 13.26
CA ASP A 336 -2.41 -8.10 14.22
C ASP A 336 -3.13 -9.30 13.61
N PHE A 337 -2.43 -9.99 12.74
CA PHE A 337 -3.02 -11.11 12.04
C PHE A 337 -3.27 -12.36 12.88
N ARG A 338 -2.54 -12.57 13.96
CA ARG A 338 -2.84 -13.74 14.78
C ARG A 338 -3.93 -13.36 15.73
N GLY A 339 -3.93 -12.09 16.13
CA GLY A 339 -5.00 -11.54 16.94
C GLY A 339 -4.77 -11.69 18.41
N THR A 340 -3.52 -11.67 18.85
CA THR A 340 -3.20 -11.95 20.22
C THR A 340 -2.21 -10.97 20.86
N PHE A 341 -1.92 -9.86 20.17
CA PHE A 341 -1.04 -8.86 20.75
C PHE A 341 -1.82 -7.63 21.22
N CYS A 342 -2.87 -7.29 20.50
CA CYS A 342 -3.63 -6.08 20.82
C CYS A 342 -4.85 -6.25 21.75
N GLY A 343 -4.70 -6.92 22.89
CA GLY A 343 -5.82 -7.11 23.79
C GLY A 343 -6.99 -7.86 23.18
N GLN A 344 -8.06 -7.14 22.88
CA GLN A 344 -9.26 -7.76 22.31
C GLN A 344 -8.92 -8.97 21.44
N ASN A 345 -9.64 -10.08 21.60
CA ASN A 345 -9.37 -11.29 20.83
C ASN A 345 -10.01 -11.20 19.46
N LEU A 346 -9.35 -10.47 18.57
CA LEU A 346 -9.87 -10.27 17.22
C LEU A 346 -8.63 -10.23 16.38
N THR A 347 -8.68 -10.90 15.28
CA THR A 347 -7.57 -10.99 14.42
C THR A 347 -7.76 -10.00 13.27
N PHE A 348 -6.72 -9.35 12.79
CA PHE A 348 -6.87 -8.30 11.79
C PHE A 348 -7.81 -7.25 12.31
N PRO A 349 -7.48 -6.63 13.42
CA PRO A 349 -8.27 -5.56 14.01
C PRO A 349 -8.39 -4.35 13.07
N LEU A 350 -7.28 -3.79 12.64
CA LEU A 350 -7.30 -2.64 11.76
C LEU A 350 -8.11 -2.98 10.50
N THR A 351 -7.80 -4.07 9.84
CA THR A 351 -8.55 -4.36 8.64
C THR A 351 -10.02 -4.63 8.91
N SER A 352 -10.34 -5.37 9.95
CA SER A 352 -11.79 -5.56 10.19
C SER A 352 -12.58 -4.22 10.42
N ALA A 353 -11.92 -3.28 11.05
CA ALA A 353 -12.49 -2.02 11.37
C ALA A 353 -12.79 -1.24 10.11
N ILE A 354 -11.91 -1.35 9.11
CA ILE A 354 -12.16 -0.64 7.89
C ILE A 354 -13.41 -1.30 7.27
N LYS A 355 -13.36 -2.60 7.08
CA LYS A 355 -14.46 -3.38 6.54
C LYS A 355 -15.80 -3.01 7.14
N ASP A 356 -15.79 -2.81 8.46
CA ASP A 356 -17.03 -2.52 9.11
C ASP A 356 -17.68 -1.23 8.60
N VAL A 357 -16.87 -0.19 8.38
CA VAL A 357 -17.44 1.03 7.87
C VAL A 357 -17.90 0.82 6.47
N LEU A 358 -17.03 0.19 5.68
CA LEU A 358 -17.36 -0.11 4.28
C LEU A 358 -18.60 -0.95 4.11
N ALA A 359 -18.88 -1.78 5.09
CA ALA A 359 -19.97 -2.74 4.99
C ALA A 359 -21.31 -2.21 5.45
N ARG A 360 -21.35 -0.98 5.89
CA ARG A 360 -22.60 -0.42 6.33
C ARG A 360 -23.00 0.73 5.37
N VAL A 361 -23.89 1.50 5.86
CA VAL A 361 -24.54 2.60 5.21
C VAL A 361 -23.65 3.85 4.97
C1 NAG B . 8.42 -1.63 2.63
C2 NAG B . 8.29 -2.36 3.93
C3 NAG B . 9.76 -2.68 4.03
C4 NAG B . 10.07 -3.58 2.82
C5 NAG B . 9.79 -2.91 1.46
C6 NAG B . 9.93 -3.98 0.37
C7 NAG B . 6.68 -1.85 5.65
C8 NAG B . 6.10 -0.71 6.42
N2 NAG B . 7.85 -1.59 5.07
O1 NAG B . 8.65 -0.26 2.58
O3 NAG B . 10.04 -3.31 5.26
O4 NAG B . 11.42 -4.04 2.79
O5 NAG B . 8.48 -2.33 1.45
O6 NAG B . 10.36 -3.47 -0.88
O7 NAG B . 6.09 -2.93 5.57
C1 NAG B . 12.46 -5.03 3.08
C2 NAG B . 13.09 -5.98 2.06
C3 NAG B . 13.40 -7.36 2.66
C4 NAG B . 14.36 -7.33 3.86
C5 NAG B . 13.98 -6.06 4.72
C6 NAG B . 15.18 -5.55 5.56
C7 NAG B . 12.73 -6.07 -0.28
C8 NAG B . 11.78 -6.34 -1.43
N2 NAG B . 12.19 -6.08 0.92
O3 NAG B . 13.90 -8.15 1.61
O4 NAG B . 14.44 -8.69 4.51
O5 NAG B . 13.51 -4.87 4.01
O6 NAG B . 14.87 -4.37 6.30
O7 NAG B . 13.95 -5.91 -0.48
C1 NAG B . 15.01 -9.94 3.97
C2 NAG B . 15.24 -11.00 5.10
C3 NAG B . 16.30 -12.03 4.64
C4 NAG B . 15.96 -12.60 3.27
C5 NAG B . 15.39 -11.52 2.34
C6 NAG B . 14.82 -12.32 1.17
C7 NAG B . 15.20 -9.34 6.91
C8 NAG B . 15.90 -8.00 6.79
N2 NAG B . 15.77 -10.39 6.31
O3 NAG B . 16.51 -13.09 5.55
O4 NAG B . 17.09 -13.34 2.76
O5 NAG B . 14.41 -10.59 2.96
O6 NAG B . 14.61 -11.48 0.04
O7 NAG B . 14.14 -9.41 7.53
C1 NAG B . 16.99 -14.66 3.45
C2 NAG B . 17.85 -15.39 2.40
C3 NAG B . 17.34 -16.81 2.62
C4 NAG B . 17.80 -17.27 4.01
C5 NAG B . 17.30 -16.33 5.09
C6 NAG B . 17.97 -16.54 6.46
C7 NAG B . 18.72 -15.18 0.14
C8 NAG B . 19.17 -16.61 -0.11
N2 NAG B . 17.71 -14.99 1.00
O3 NAG B . 17.75 -17.71 1.60
O4 NAG B . 17.25 -18.55 4.28
O5 NAG B . 17.41 -14.97 4.77
O6 NAG B . 17.01 -16.28 7.48
O7 NAG B . 19.28 -14.24 -0.43
C1 NAG C . 15.65 -10.26 -9.92
C2 NAG C . 16.70 -10.99 -9.08
C3 NAG C . 18.15 -10.66 -9.51
C4 NAG C . 18.24 -10.28 -11.00
C5 NAG C . 17.11 -9.41 -11.52
C6 NAG C . 17.36 -9.23 -13.02
C7 NAG C . 16.32 -11.46 -6.70
C8 NAG C . 16.79 -11.25 -5.29
N2 NAG C . 16.58 -10.59 -7.69
O3 NAG C . 19.03 -11.77 -9.20
O4 NAG C . 19.31 -9.43 -11.26
O5 NAG C . 15.93 -10.09 -11.29
O6 NAG C . 17.84 -10.48 -13.51
O7 NAG C . 15.68 -12.49 -6.84
#